data_2LHV
#
_entry.id   2LHV
#
_entity_poly.entity_id   1
_entity_poly.type   'polypeptide(L)'
_entity_poly.pdbx_seq_one_letter_code
;(ACE)PTTTPLK(NH2)
;
_entity_poly.pdbx_strand_id   A
#
# COMPACT_ATOMS: atom_id res chain seq x y z
N PRO A 2 7.23 -5.66 -2.33
CA PRO A 2 6.66 -4.82 -3.41
C PRO A 2 5.20 -4.44 -3.12
N THR A 3 4.36 -5.46 -2.92
CA THR A 3 2.95 -5.21 -2.63
C THR A 3 2.80 -4.16 -1.54
N THR A 4 2.57 -2.92 -1.94
CA THR A 4 2.40 -1.83 -0.99
C THR A 4 0.94 -1.68 -0.59
N THR A 5 0.69 -0.91 0.46
CA THR A 5 -0.66 -0.70 0.94
C THR A 5 -0.76 0.59 1.74
N PRO A 6 -0.71 1.71 1.07
CA PRO A 6 -0.80 3.05 1.72
C PRO A 6 -2.22 3.38 2.17
N LEU A 7 -2.45 4.65 2.49
CA LEU A 7 -3.78 5.08 2.93
C LEU A 7 -4.83 4.75 1.88
N LYS A 8 -6.08 5.12 2.16
CA LYS A 8 -7.17 4.84 1.25
C LYS A 8 -7.32 3.34 1.02
N PRO A 2 8.33 -5.51 -3.39
CA PRO A 2 6.96 -6.06 -3.62
C PRO A 2 6.01 -5.68 -2.49
N THR A 3 4.73 -6.01 -2.65
CA THR A 3 3.73 -5.72 -1.64
C THR A 3 3.48 -4.21 -1.57
N THR A 4 2.25 -3.85 -1.18
CA THR A 4 1.90 -2.44 -1.08
C THR A 4 0.83 -2.23 -0.01
N THR A 5 0.44 -0.97 0.21
CA THR A 5 -0.57 -0.65 1.21
C THR A 5 -1.22 0.69 0.90
N PRO A 6 -2.04 0.74 -0.11
CA PRO A 6 -2.75 1.98 -0.51
C PRO A 6 -3.83 2.38 0.49
N LEU A 7 -3.72 3.59 1.03
CA LEU A 7 -4.70 4.08 2.00
C LEU A 7 -4.69 5.60 2.04
N LYS A 8 -5.70 6.21 1.42
CA LYS A 8 -5.80 7.66 1.40
C LYS A 8 -6.50 8.18 2.65
N PRO A 2 7.49 -5.98 -3.81
CA PRO A 2 6.89 -5.98 -2.45
C PRO A 2 5.43 -5.57 -2.46
N THR A 3 4.77 -5.68 -1.31
CA THR A 3 3.36 -5.32 -1.20
C THR A 3 3.22 -3.92 -0.61
N THR A 4 2.44 -3.07 -1.27
CA THR A 4 2.22 -1.72 -0.80
C THR A 4 1.02 -1.66 0.14
N THR A 5 0.73 -0.46 0.64
CA THR A 5 -0.39 -0.29 1.56
C THR A 5 -0.87 1.17 1.54
N PRO A 6 -1.54 1.56 0.49
CA PRO A 6 -2.07 2.95 0.35
C PRO A 6 -3.30 3.18 1.21
N LEU A 7 -3.18 4.07 2.20
CA LEU A 7 -4.29 4.38 3.09
C LEU A 7 -5.59 4.51 2.30
N LYS A 8 -5.48 5.04 1.08
CA LYS A 8 -6.66 5.22 0.24
C LYS A 8 -6.26 5.24 -1.23
N PRO A 2 7.09 -4.43 -3.51
CA PRO A 2 6.54 -4.49 -2.13
C PRO A 2 5.17 -5.15 -2.09
N THR A 3 4.51 -5.06 -0.94
CA THR A 3 3.18 -5.66 -0.77
C THR A 3 2.27 -4.72 0.01
N THR A 4 2.71 -3.49 0.19
CA THR A 4 1.92 -2.50 0.92
C THR A 4 0.99 -1.75 -0.03
N THR A 5 -0.27 -1.63 0.36
CA THR A 5 -1.25 -0.93 -0.47
C THR A 5 -1.17 0.57 -0.23
N PRO A 6 -1.80 1.34 -1.08
CA PRO A 6 -1.81 2.83 -0.98
C PRO A 6 -2.74 3.31 0.13
N LEU A 7 -2.16 3.67 1.27
CA LEU A 7 -2.95 4.16 2.40
C LEU A 7 -3.40 5.59 2.16
N LYS A 8 -4.71 5.79 2.06
CA LYS A 8 -5.27 7.12 1.84
C LYS A 8 -5.42 7.86 3.16
N PRO A 2 6.76 -4.76 -1.64
CA PRO A 2 5.37 -4.93 -1.14
C PRO A 2 4.42 -3.90 -1.76
N THR A 3 3.22 -4.35 -2.11
CA THR A 3 2.23 -3.47 -2.71
C THR A 3 1.94 -2.28 -1.81
N THR A 4 1.17 -1.33 -2.32
CA THR A 4 0.83 -0.14 -1.53
C THR A 4 -0.44 -0.38 -0.72
N THR A 5 -0.34 -1.20 0.31
CA THR A 5 -1.48 -1.51 1.16
C THR A 5 -1.68 -0.41 2.20
N PRO A 6 -0.60 0.05 2.79
CA PRO A 6 -0.65 1.12 3.82
C PRO A 6 -0.89 2.50 3.20
N LEU A 7 -1.60 2.52 2.08
CA LEU A 7 -1.90 3.78 1.40
C LEU A 7 -3.34 3.78 0.90
N LYS A 8 -4.22 4.43 1.66
CA LYS A 8 -5.63 4.51 1.28
C LYS A 8 -6.20 3.12 1.07
N PRO A 2 7.63 -7.13 -3.59
CA PRO A 2 7.22 -6.12 -2.58
C PRO A 2 5.75 -5.73 -2.73
N THR A 3 5.06 -5.57 -1.61
CA THR A 3 3.65 -5.18 -1.63
C THR A 3 3.50 -3.71 -1.27
N THR A 4 2.27 -3.21 -1.37
CA THR A 4 2.00 -1.81 -1.06
C THR A 4 0.58 -1.64 -0.55
N THR A 5 0.41 -0.82 0.49
CA THR A 5 -0.90 -0.58 1.06
C THR A 5 -0.93 0.75 1.83
N PRO A 6 -0.93 1.85 1.13
CA PRO A 6 -0.97 3.20 1.75
C PRO A 6 -2.36 3.55 2.28
N LEU A 7 -2.46 4.71 2.93
CA LEU A 7 -3.74 5.15 3.48
C LEU A 7 -4.84 5.03 2.43
N LYS A 8 -4.75 5.86 1.39
CA LYS A 8 -5.75 5.84 0.33
C LYS A 8 -5.16 6.39 -0.97
N PRO A 2 5.79 -4.53 -3.81
CA PRO A 2 4.37 -4.74 -4.20
C PRO A 2 3.43 -4.56 -3.01
N THR A 3 3.95 -4.78 -1.80
CA THR A 3 3.14 -4.64 -0.60
C THR A 3 2.53 -3.24 -0.52
N THR A 4 1.27 -3.13 -0.91
CA THR A 4 0.58 -1.85 -0.87
C THR A 4 -0.09 -1.64 0.48
N THR A 5 0.69 -1.20 1.46
CA THR A 5 0.15 -0.96 2.80
C THR A 5 -0.51 0.41 2.87
N PRO A 6 0.10 1.40 2.28
CA PRO A 6 -0.43 2.79 2.27
C PRO A 6 -1.59 2.94 1.29
N LEU A 7 -2.80 3.09 1.83
CA LEU A 7 -3.99 3.24 0.98
C LEU A 7 -3.95 4.58 0.25
N LYS A 8 -5.02 4.87 -0.47
CA LYS A 8 -5.11 6.12 -1.22
C LYS A 8 -3.97 6.22 -2.23
N PRO A 2 5.47 -7.45 -3.11
CA PRO A 2 6.15 -6.17 -2.80
C PRO A 2 5.45 -5.42 -1.67
N THR A 3 6.10 -4.38 -1.16
CA THR A 3 5.53 -3.59 -0.08
C THR A 3 4.94 -2.29 -0.62
N THR A 4 3.64 -2.31 -0.89
CA THR A 4 2.96 -1.12 -1.41
C THR A 4 1.49 -1.12 -0.99
N THR A 5 1.25 -0.80 0.27
CA THR A 5 -0.11 -0.76 0.79
C THR A 5 -0.77 0.58 0.45
N PRO A 6 -1.81 0.53 -0.34
CA PRO A 6 -2.56 1.76 -0.75
C PRO A 6 -3.46 2.27 0.37
N LEU A 7 -3.00 3.32 1.04
CA LEU A 7 -3.78 3.91 2.14
C LEU A 7 -4.56 5.11 1.65
N LYS A 8 -5.86 4.93 1.44
CA LYS A 8 -6.72 6.01 0.98
C LYS A 8 -6.23 6.53 -0.37
N PRO A 2 6.48 -7.51 -0.90
CA PRO A 2 6.09 -6.31 -0.11
C PRO A 2 4.89 -5.60 -0.72
N THR A 3 5.03 -5.16 -1.96
CA THR A 3 3.94 -4.46 -2.65
C THR A 3 3.27 -3.48 -1.71
N THR A 4 3.74 -2.23 -1.75
CA THR A 4 3.17 -1.18 -0.90
C THR A 4 2.01 -0.49 -1.61
N THR A 5 0.83 -0.56 -0.99
CA THR A 5 -0.35 0.07 -1.57
C THR A 5 -0.40 1.56 -1.23
N PRO A 6 -1.39 2.25 -1.71
CA PRO A 6 -1.57 3.70 -1.47
C PRO A 6 -2.07 3.99 -0.05
N LEU A 7 -2.21 5.27 0.28
CA LEU A 7 -2.67 5.67 1.60
C LEU A 7 -4.20 5.68 1.64
N LYS A 8 -4.78 4.78 2.42
CA LYS A 8 -6.24 4.71 2.54
C LYS A 8 -6.87 4.45 1.18
N PRO A 2 7.25 -3.50 -3.51
CA PRO A 2 6.22 -4.46 -3.02
C PRO A 2 4.97 -3.74 -2.54
N THR A 3 3.82 -4.39 -2.71
CA THR A 3 2.55 -3.79 -2.30
C THR A 3 2.10 -4.38 -0.96
N THR A 4 1.62 -3.51 -0.08
CA THR A 4 1.16 -3.94 1.23
C THR A 4 0.06 -3.03 1.75
N THR A 5 -0.95 -2.78 0.93
CA THR A 5 -2.05 -1.92 1.34
C THR A 5 -1.52 -0.57 1.84
N PRO A 6 -1.07 0.26 0.96
CA PRO A 6 -0.53 1.61 1.31
C PRO A 6 -1.63 2.59 1.67
N LEU A 7 -1.27 3.86 1.79
CA LEU A 7 -2.24 4.90 2.12
C LEU A 7 -3.20 5.14 0.96
N LYS A 8 -4.09 6.11 1.14
CA LYS A 8 -5.07 6.44 0.10
C LYS A 8 -5.55 7.88 0.25
N PRO A 2 5.38 -2.78 -4.56
CA PRO A 2 4.83 -2.28 -3.26
C PRO A 2 3.37 -2.68 -3.08
N THR A 3 3.11 -3.43 -2.02
CA THR A 3 1.74 -3.88 -1.73
C THR A 3 1.45 -3.77 -0.24
N THR A 4 2.40 -3.22 0.51
CA THR A 4 2.23 -3.06 1.95
C THR A 4 1.57 -1.72 2.27
N THR A 5 0.55 -1.76 3.11
CA THR A 5 -0.16 -0.54 3.49
C THR A 5 -0.62 0.23 2.25
N PRO A 6 -1.62 -0.27 1.58
CA PRO A 6 -2.18 0.37 0.36
C PRO A 6 -3.01 1.60 0.68
N LEU A 7 -2.67 2.28 1.78
CA LEU A 7 -3.39 3.47 2.18
C LEU A 7 -3.28 4.56 1.11
N LYS A 8 -4.37 5.30 0.92
CA LYS A 8 -4.38 6.37 -0.07
C LYS A 8 -5.41 7.43 0.29
N PRO A 2 7.65 -5.16 -2.63
CA PRO A 2 6.28 -5.68 -2.41
C PRO A 2 5.30 -4.57 -2.05
N THR A 3 4.47 -4.17 -3.02
CA THR A 3 3.49 -3.12 -2.80
C THR A 3 2.33 -3.64 -1.96
N THR A 4 2.13 -3.03 -0.79
CA THR A 4 1.05 -3.43 0.10
C THR A 4 0.57 -2.25 0.93
N THR A 5 -0.68 -2.32 1.40
CA THR A 5 -1.26 -1.26 2.20
C THR A 5 -1.10 0.09 1.48
N PRO A 6 -1.89 0.30 0.46
CA PRO A 6 -1.87 1.56 -0.33
C PRO A 6 -2.53 2.72 0.41
N LEU A 7 -2.76 3.82 -0.29
CA LEU A 7 -3.39 4.99 0.31
C LEU A 7 -4.90 4.80 0.40
N LYS A 8 -5.59 5.79 0.95
CA LYS A 8 -7.04 5.72 1.09
C LYS A 8 -7.73 6.17 -0.19
N PRO A 2 5.61 -4.47 -4.52
CA PRO A 2 5.60 -3.41 -3.47
C PRO A 2 4.28 -3.39 -2.70
N THR A 3 4.34 -3.82 -1.43
CA THR A 3 3.15 -3.85 -0.60
C THR A 3 3.05 -2.57 0.23
N THR A 4 2.40 -1.56 -0.34
CA THR A 4 2.24 -0.28 0.35
C THR A 4 0.96 -0.28 1.18
N THR A 5 0.51 -1.47 1.57
CA THR A 5 -0.70 -1.60 2.37
C THR A 5 -1.83 -0.77 1.75
N PRO A 6 -2.99 -0.82 2.34
CA PRO A 6 -4.18 -0.06 1.86
C PRO A 6 -4.09 1.43 2.19
N LEU A 7 -2.86 1.93 2.28
CA LEU A 7 -2.65 3.35 2.59
C LEU A 7 -3.64 4.21 1.83
N LYS A 8 -3.52 4.23 0.51
CA LYS A 8 -4.42 5.03 -0.33
C LYS A 8 -5.71 4.26 -0.61
N PRO A 2 4.09 -7.79 -1.68
CA PRO A 2 4.20 -6.59 -0.81
C PRO A 2 4.95 -5.46 -1.49
N THR A 3 4.22 -4.40 -1.83
CA THR A 3 4.83 -3.25 -2.49
C THR A 3 4.33 -1.95 -1.87
N THR A 4 3.43 -1.27 -2.58
CA THR A 4 2.88 -0.02 -2.09
C THR A 4 1.63 -0.27 -1.25
N THR A 5 1.48 0.50 -0.18
CA THR A 5 0.33 0.34 0.71
C THR A 5 0.09 1.63 1.49
N PRO A 6 -0.43 2.63 0.84
CA PRO A 6 -0.72 3.95 1.48
C PRO A 6 -1.97 3.89 2.35
N LEU A 7 -2.45 5.06 2.77
CA LEU A 7 -3.64 5.13 3.62
C LEU A 7 -4.90 4.90 2.78
N LYS A 8 -5.14 3.65 2.42
CA LYS A 8 -6.32 3.30 1.63
C LYS A 8 -6.72 1.85 1.86
N PRO A 2 7.33 -3.71 0.04
CA PRO A 2 5.86 -3.54 -0.09
C PRO A 2 5.37 -3.84 -1.50
N THR A 3 4.48 -4.82 -1.60
CA THR A 3 3.93 -5.20 -2.90
C THR A 3 2.57 -4.55 -3.12
N THR A 4 1.80 -4.42 -2.05
CA THR A 4 0.48 -3.80 -2.15
C THR A 4 0.10 -3.13 -0.83
N THR A 5 0.10 -1.81 -0.83
CA THR A 5 -0.25 -1.05 0.37
C THR A 5 -0.71 0.35 0.00
N PRO A 6 -1.91 0.45 -0.51
CA PRO A 6 -2.50 1.77 -0.90
C PRO A 6 -2.97 2.57 0.30
N LEU A 7 -2.27 3.68 0.57
CA LEU A 7 -2.62 4.53 1.70
C LEU A 7 -3.70 5.53 1.30
N LYS A 8 -4.83 5.48 2.00
CA LYS A 8 -5.93 6.40 1.71
C LYS A 8 -6.38 6.25 0.26
N PRO A 2 7.58 -4.50 -3.62
CA PRO A 2 6.37 -3.65 -3.45
C PRO A 2 5.63 -3.95 -2.16
N THR A 3 4.97 -2.94 -1.61
CA THR A 3 4.22 -3.10 -0.37
C THR A 3 2.79 -3.53 -0.67
N THR A 4 1.89 -3.26 0.27
CA THR A 4 0.48 -3.62 0.11
C THR A 4 -0.42 -2.65 0.85
N THR A 5 -1.72 -2.75 0.60
CA THR A 5 -2.68 -1.87 1.26
C THR A 5 -2.25 -0.41 1.13
N PRO A 6 -1.90 0.00 -0.05
CA PRO A 6 -1.46 1.39 -0.34
C PRO A 6 -2.36 2.43 0.34
N LEU A 7 -1.93 3.68 0.31
CA LEU A 7 -2.69 4.75 0.93
C LEU A 7 -3.56 5.45 -0.12
N LYS A 8 -4.70 5.99 0.33
CA LYS A 8 -5.60 6.69 -0.57
C LYS A 8 -5.19 8.14 -0.74
N PRO A 2 4.73 -3.19 1.67
CA PRO A 2 4.63 -3.79 0.31
C PRO A 2 4.10 -2.79 -0.72
N THR A 3 4.28 -3.10 -1.99
CA THR A 3 3.83 -2.23 -3.06
C THR A 3 2.31 -2.27 -3.17
N THR A 4 1.68 -3.16 -2.40
CA THR A 4 0.24 -3.29 -2.41
C THR A 4 -0.40 -2.35 -1.39
N THR A 5 -1.47 -1.68 -1.80
CA THR A 5 -2.15 -0.75 -0.90
C THR A 5 -1.18 0.25 -0.30
N PRO A 6 -0.73 1.20 -1.09
CA PRO A 6 0.23 2.23 -0.65
C PRO A 6 -0.44 3.30 0.22
N LEU A 7 -0.26 3.18 1.54
CA LEU A 7 -0.86 4.13 2.47
C LEU A 7 -2.30 4.42 2.08
N LYS A 8 -3.04 3.38 1.72
CA LYS A 8 -4.44 3.53 1.33
C LYS A 8 -4.56 4.46 0.13
N PRO A 2 7.78 -6.59 -0.90
CA PRO A 2 7.12 -5.26 -1.02
C PRO A 2 5.59 -5.40 -1.08
N THR A 3 4.90 -4.27 -0.92
CA THR A 3 3.44 -4.26 -0.96
C THR A 3 2.93 -2.93 -1.49
N THR A 4 2.33 -2.97 -2.68
CA THR A 4 1.79 -1.76 -3.29
C THR A 4 0.35 -1.53 -2.86
N THR A 5 0.17 -0.87 -1.73
CA THR A 5 -1.18 -0.59 -1.21
C THR A 5 -1.17 0.63 -0.30
N PRO A 6 -1.05 1.80 -0.86
CA PRO A 6 -1.02 3.06 -0.09
C PRO A 6 -2.41 3.47 0.41
N LEU A 7 -2.53 3.67 1.71
CA LEU A 7 -3.81 4.06 2.30
C LEU A 7 -3.96 5.57 2.31
N LYS A 8 -5.05 6.05 2.91
CA LYS A 8 -5.30 7.48 2.98
C LYS A 8 -4.58 8.10 4.17
N PRO A 2 7.37 -5.38 -3.91
CA PRO A 2 6.05 -4.70 -3.93
C PRO A 2 5.25 -4.96 -2.67
N THR A 3 4.64 -3.91 -2.13
CA THR A 3 3.84 -4.04 -0.91
C THR A 3 2.99 -2.80 -0.70
N THR A 4 1.92 -2.68 -1.48
CA THR A 4 1.03 -1.53 -1.36
C THR A 4 -0.07 -1.81 -0.34
N THR A 5 0.07 -1.23 0.85
CA THR A 5 -0.91 -1.41 1.90
C THR A 5 -2.09 -0.46 1.72
N PRO A 6 -3.06 -0.55 2.58
CA PRO A 6 -4.27 0.32 2.53
C PRO A 6 -3.97 1.74 3.03
N LEU A 7 -3.88 2.68 2.08
CA LEU A 7 -3.59 4.07 2.43
C LEU A 7 -4.46 5.01 1.60
N LYS A 8 -4.19 5.06 0.30
CA LYS A 8 -4.95 5.92 -0.60
C LYS A 8 -4.90 5.39 -2.02
N PRO A 2 6.66 -5.86 -0.07
CA PRO A 2 6.59 -6.69 -1.30
C PRO A 2 6.41 -5.84 -2.56
N THR A 3 5.33 -5.05 -2.58
CA THR A 3 5.06 -4.19 -3.73
C THR A 3 4.52 -2.84 -3.27
N THR A 4 3.27 -2.83 -2.81
CA THR A 4 2.66 -1.59 -2.35
C THR A 4 1.61 -1.88 -1.28
N THR A 5 0.88 -0.85 -0.88
CA THR A 5 -0.16 -1.01 0.15
C THR A 5 -1.20 0.09 0.03
N PRO A 6 -2.36 -0.13 0.58
CA PRO A 6 -3.47 0.86 0.55
C PRO A 6 -3.25 2.01 1.53
N LEU A 7 -4.02 3.07 1.37
CA LEU A 7 -3.89 4.23 2.24
C LEU A 7 -5.10 5.15 2.09
N LYS A 8 -5.43 5.86 3.18
CA LYS A 8 -6.57 6.77 3.16
C LYS A 8 -7.85 6.02 2.82
N PRO A 2 3.52 -6.56 -0.81
CA PRO A 2 4.97 -6.72 -0.50
C PRO A 2 5.75 -5.43 -0.75
N THR A 3 5.18 -4.54 -1.56
CA THR A 3 5.82 -3.27 -1.88
C THR A 3 4.80 -2.14 -1.89
N THR A 4 3.59 -2.43 -2.35
CA THR A 4 2.54 -1.43 -2.39
C THR A 4 1.75 -1.42 -1.09
N THR A 5 1.43 -0.22 -0.61
CA THR A 5 0.67 -0.08 0.63
C THR A 5 -0.04 1.28 0.66
N PRO A 6 -1.13 1.39 -0.07
CA PRO A 6 -1.92 2.64 -0.12
C PRO A 6 -2.77 2.83 1.13
N LEU A 7 -2.55 3.94 1.84
CA LEU A 7 -3.30 4.22 3.05
C LEU A 7 -4.74 4.58 2.72
N LYS A 8 -4.95 5.11 1.52
CA LYS A 8 -6.29 5.49 1.08
C LYS A 8 -7.02 4.29 0.50
N PRO A 2 5.62 -5.80 -3.37
CA PRO A 2 5.31 -4.79 -4.41
C PRO A 2 4.80 -3.49 -3.80
N THR A 3 3.64 -3.55 -3.17
CA THR A 3 3.04 -2.37 -2.55
C THR A 3 3.31 -2.36 -1.05
N THR A 4 2.51 -1.60 -0.32
CA THR A 4 2.67 -1.50 1.13
C THR A 4 1.34 -1.21 1.80
N THR A 5 0.25 -1.66 1.17
CA THR A 5 -1.08 -1.44 1.73
C THR A 5 -1.30 0.05 2.01
N PRO A 6 -0.96 0.88 1.07
CA PRO A 6 -1.12 2.36 1.19
C PRO A 6 -2.48 2.74 1.79
N LEU A 7 -2.58 3.97 2.26
CA LEU A 7 -3.83 4.45 2.86
C LEU A 7 -4.70 5.10 1.79
N LYS A 8 -4.39 4.83 0.52
CA LYS A 8 -5.16 5.39 -0.58
C LYS A 8 -5.12 6.91 -0.55
N PRO A 2 4.64 -7.39 -2.21
CA PRO A 2 3.31 -6.73 -2.17
C PRO A 2 3.40 -5.24 -2.51
N THR A 3 2.35 -4.50 -2.15
CA THR A 3 2.32 -3.06 -2.43
C THR A 3 1.74 -2.31 -1.25
N THR A 4 2.59 -1.95 -0.29
CA THR A 4 2.15 -1.22 0.89
C THR A 4 2.19 0.29 0.64
N THR A 5 1.24 0.78 -0.16
CA THR A 5 1.19 2.20 -0.47
C THR A 5 0.48 2.96 0.65
N PRO A 6 0.77 4.23 0.78
CA PRO A 6 0.16 5.10 1.83
C PRO A 6 -1.34 4.88 1.94
N LEU A 7 -1.79 4.56 3.14
CA LEU A 7 -3.22 4.35 3.37
C LEU A 7 -3.77 3.34 2.37
N LYS A 8 -4.20 3.84 1.22
CA LYS A 8 -4.76 2.97 0.18
C LYS A 8 -4.61 3.63 -1.20
N PRO A 2 5.33 -3.45 -1.15
CA PRO A 2 5.26 -4.01 -2.53
C PRO A 2 3.82 -4.18 -3.01
N THR A 3 3.10 -5.12 -2.40
CA THR A 3 1.71 -5.38 -2.78
C THR A 3 0.86 -4.12 -2.58
N THR A 4 0.47 -3.87 -1.33
CA THR A 4 -0.34 -2.70 -1.03
C THR A 4 0.55 -1.50 -0.71
N THR A 5 0.11 -0.31 -1.12
CA THR A 5 0.88 0.90 -0.87
C THR A 5 0.60 1.42 0.53
N PRO A 6 1.25 2.50 0.89
CA PRO A 6 1.08 3.13 2.23
C PRO A 6 -0.24 3.91 2.34
N LEU A 7 -1.21 3.32 3.03
CA LEU A 7 -2.51 3.96 3.20
C LEU A 7 -3.06 4.41 1.85
N LYS A 8 -4.01 3.64 1.33
CA LYS A 8 -4.63 3.96 0.04
C LYS A 8 -3.57 3.96 -1.06
N PRO A 2 6.15 -1.56 -2.78
CA PRO A 2 4.94 -1.47 -1.90
C PRO A 2 4.38 -2.85 -1.58
N THR A 3 3.65 -2.95 -0.47
CA THR A 3 3.06 -4.20 -0.06
C THR A 3 1.62 -4.32 -0.55
N THR A 4 0.69 -4.49 0.37
CA THR A 4 -0.72 -4.61 0.02
C THR A 4 -1.39 -3.24 -0.02
N THR A 5 -1.05 -2.45 -1.03
CA THR A 5 -1.61 -1.11 -1.17
C THR A 5 -1.43 -0.31 0.12
N PRO A 6 -0.24 0.12 0.39
CA PRO A 6 0.09 0.91 1.60
C PRO A 6 -0.40 2.35 1.50
N LEU A 7 -1.53 2.63 2.14
CA LEU A 7 -2.09 3.98 2.11
C LEU A 7 -2.54 4.35 0.70
N LYS A 8 -3.50 5.25 0.61
CA LYS A 8 -4.01 5.68 -0.70
C LYS A 8 -3.14 6.80 -1.26
N PRO A 2 6.85 -5.04 -4.46
CA PRO A 2 6.58 -4.07 -3.36
C PRO A 2 5.16 -4.18 -2.83
N THR A 3 4.99 -4.86 -1.72
CA THR A 3 3.67 -5.03 -1.11
C THR A 3 3.03 -3.68 -0.84
N THR A 4 1.70 -3.64 -0.88
CA THR A 4 0.98 -2.40 -0.63
C THR A 4 0.67 -2.25 0.85
N THR A 5 0.30 -1.04 1.26
CA THR A 5 -0.01 -0.77 2.66
C THR A 5 -0.90 0.47 2.78
N PRO A 6 -0.56 1.50 2.07
CA PRO A 6 -1.33 2.78 2.09
C PRO A 6 -2.63 2.68 1.30
N LEU A 7 -3.58 3.55 1.62
CA LEU A 7 -4.86 3.55 0.93
C LEU A 7 -5.38 4.97 0.74
N LYS A 8 -4.84 5.90 1.54
CA LYS A 8 -5.26 7.30 1.45
C LYS A 8 -6.75 7.44 1.72
N PRO A 2 4.77 -7.12 -2.97
CA PRO A 2 6.05 -6.41 -2.71
C PRO A 2 5.85 -4.91 -2.53
N THR A 3 6.17 -4.41 -1.34
CA THR A 3 6.01 -2.99 -1.05
C THR A 3 4.65 -2.49 -1.50
N THR A 4 3.62 -2.75 -0.70
CA THR A 4 2.26 -2.33 -1.04
C THR A 4 1.46 -2.07 0.23
N THR A 5 1.20 -0.80 0.52
CA THR A 5 0.43 -0.43 1.70
C THR A 5 -0.19 0.95 1.52
N PRO A 6 -1.21 1.05 0.72
CA PRO A 6 -1.91 2.33 0.45
C PRO A 6 -2.81 2.75 1.62
N LEU A 7 -3.22 4.01 1.63
CA LEU A 7 -4.08 4.51 2.69
C LEU A 7 -4.96 5.65 2.18
N LYS A 8 -6.23 5.34 1.94
CA LYS A 8 -7.16 6.35 1.43
C LYS A 8 -8.60 5.98 1.81
N PRO A 2 4.98 -7.17 -3.46
CA PRO A 2 5.04 -5.70 -3.26
C PRO A 2 3.80 -5.18 -2.52
N THR A 3 4.00 -4.69 -1.30
CA THR A 3 2.90 -4.18 -0.50
C THR A 3 3.40 -3.14 0.50
N THR A 4 3.49 -1.89 0.05
CA THR A 4 3.95 -0.81 0.92
C THR A 4 3.32 0.52 0.51
N THR A 5 2.16 0.45 -0.11
CA THR A 5 1.46 1.65 -0.55
C THR A 5 0.68 2.26 0.60
N PRO A 6 0.21 3.47 0.43
CA PRO A 6 -0.58 4.19 1.46
C PRO A 6 -2.01 3.68 1.54
N LEU A 7 -2.81 4.31 2.40
CA LEU A 7 -4.20 3.90 2.57
C LEU A 7 -5.14 5.07 2.27
N LYS A 8 -5.67 5.11 1.05
CA LYS A 8 -6.58 6.18 0.65
C LYS A 8 -8.01 5.85 1.08
N PRO A 2 7.51 -5.79 0.44
CA PRO A 2 6.03 -5.88 0.42
C PRO A 2 5.42 -5.13 -0.75
N THR A 3 4.28 -5.60 -1.23
CA THR A 3 3.60 -4.96 -2.35
C THR A 3 3.16 -3.55 -1.98
N THR A 4 2.93 -2.72 -2.99
CA THR A 4 2.51 -1.34 -2.76
C THR A 4 0.99 -1.26 -2.70
N THR A 5 0.46 -1.11 -1.48
CA THR A 5 -0.98 -1.01 -1.30
C THR A 5 -1.47 0.41 -1.56
N PRO A 6 -2.75 0.63 -1.45
CA PRO A 6 -3.36 1.97 -1.67
C PRO A 6 -3.12 2.91 -0.48
N LEU A 7 -3.64 4.12 -0.59
CA LEU A 7 -3.49 5.11 0.48
C LEU A 7 -4.75 5.20 1.32
N LYS A 8 -4.74 4.55 2.47
CA LYS A 8 -5.88 4.56 3.36
C LYS A 8 -7.14 4.08 2.63
N PRO A 2 5.43 -4.81 -3.77
CA PRO A 2 5.07 -3.46 -4.27
C PRO A 2 3.94 -2.84 -3.46
N THR A 3 3.14 -3.69 -2.81
CA THR A 3 2.03 -3.21 -2.00
C THR A 3 2.38 -3.23 -0.52
N THR A 4 3.08 -2.19 -0.06
CA THR A 4 3.48 -2.11 1.33
C THR A 4 2.40 -1.41 2.16
N THR A 5 1.19 -1.96 2.11
CA THR A 5 0.08 -1.37 2.86
C THR A 5 -0.24 0.02 2.35
N PRO A 6 -0.84 0.12 1.20
CA PRO A 6 -1.22 1.43 0.59
C PRO A 6 -2.43 2.05 1.27
N LEU A 7 -2.35 3.35 1.54
CA LEU A 7 -3.45 4.06 2.18
C LEU A 7 -4.54 4.39 1.17
N LYS A 8 -4.16 5.09 0.12
CA LYS A 8 -5.12 5.47 -0.92
C LYS A 8 -4.41 5.71 -2.24
N PRO A 2 5.34 -4.11 -0.70
CA PRO A 2 5.43 -4.68 -2.08
C PRO A 2 4.05 -5.00 -2.65
N THR A 3 3.10 -5.26 -1.76
CA THR A 3 1.74 -5.57 -2.18
C THR A 3 1.03 -4.33 -2.73
N THR A 4 1.03 -3.26 -1.94
CA THR A 4 0.40 -2.01 -2.34
C THR A 4 1.09 -0.83 -1.70
N THR A 5 0.49 0.35 -1.84
CA THR A 5 1.06 1.57 -1.26
C THR A 5 0.68 1.69 0.21
N PRO A 6 1.15 2.71 0.86
CA PRO A 6 0.86 2.98 2.29
C PRO A 6 -0.56 3.50 2.50
N LEU A 7 -1.46 2.62 2.90
CA LEU A 7 -2.84 3.01 3.14
C LEU A 7 -3.32 3.97 2.05
N LYS A 8 -3.55 3.42 0.85
CA LYS A 8 -4.02 4.23 -0.27
C LYS A 8 -3.02 5.34 -0.57
N PRO A 2 6.62 -6.48 -2.53
CA PRO A 2 5.36 -7.28 -2.55
C PRO A 2 4.12 -6.40 -2.37
N THR A 3 3.99 -5.81 -1.18
CA THR A 3 2.85 -4.95 -0.88
C THR A 3 3.29 -3.74 -0.07
N THR A 4 3.23 -2.56 -0.68
CA THR A 4 3.62 -1.33 -0.01
C THR A 4 2.85 -0.15 -0.56
N THR A 5 1.58 -0.37 -0.89
CA THR A 5 0.75 0.69 -1.44
C THR A 5 0.18 1.55 -0.31
N PRO A 6 -0.37 2.69 -0.66
CA PRO A 6 -0.97 3.62 0.33
C PRO A 6 -2.33 3.14 0.83
N LEU A 7 -2.95 3.93 1.70
CA LEU A 7 -4.24 3.56 2.26
C LEU A 7 -5.17 4.78 2.29
N LYS A 8 -5.36 5.40 1.14
CA LYS A 8 -6.23 6.58 1.05
C LYS A 8 -5.70 7.69 1.95
N PRO A 2 7.65 -6.75 -0.72
CA PRO A 2 7.09 -5.89 -1.80
C PRO A 2 6.16 -4.81 -1.24
N THR A 3 5.71 -3.91 -2.12
CA THR A 3 4.82 -2.83 -1.70
C THR A 3 3.37 -3.21 -1.98
N THR A 4 2.50 -2.95 -0.99
CA THR A 4 1.09 -3.26 -1.15
C THR A 4 0.34 -2.08 -1.76
N THR A 5 -0.94 -1.97 -1.43
CA THR A 5 -1.76 -0.87 -1.96
C THR A 5 -1.55 0.40 -1.13
N PRO A 6 -1.88 1.52 -1.70
CA PRO A 6 -1.72 2.85 -1.03
C PRO A 6 -2.23 2.80 0.42
N LEU A 7 -2.02 3.90 1.14
CA LEU A 7 -2.46 3.98 2.53
C LEU A 7 -3.85 4.60 2.62
N LYS A 8 -3.91 5.86 3.02
CA LYS A 8 -5.19 6.56 3.14
C LYS A 8 -6.08 5.85 4.14
N PRO A 2 4.77 -5.03 -5.31
CA PRO A 2 4.97 -4.69 -3.88
C PRO A 2 3.97 -3.64 -3.39
N THR A 3 3.59 -3.75 -2.13
CA THR A 3 2.64 -2.81 -1.53
C THR A 3 2.81 -2.74 -0.02
N THR A 4 3.12 -1.55 0.48
CA THR A 4 3.33 -1.35 1.92
C THR A 4 2.01 -1.01 2.62
N THR A 5 0.91 -1.56 2.11
CA THR A 5 -0.39 -1.29 2.71
C THR A 5 -0.64 0.21 2.85
N PRO A 6 -0.92 0.87 1.76
CA PRO A 6 -1.18 2.34 1.75
C PRO A 6 -2.55 2.69 2.33
N LEU A 7 -2.84 3.98 2.42
CA LEU A 7 -4.11 4.43 2.96
C LEU A 7 -5.13 4.62 1.84
N LYS A 8 -4.76 4.18 0.64
CA LYS A 8 -5.65 4.31 -0.52
C LYS A 8 -6.63 3.14 -0.57
N PRO A 2 6.81 -5.38 -2.50
CA PRO A 2 5.74 -4.59 -3.15
C PRO A 2 4.99 -3.69 -2.16
N THR A 3 4.25 -2.72 -2.68
CA THR A 3 3.50 -1.81 -1.83
C THR A 3 2.13 -2.40 -1.50
N THR A 4 2.11 -3.39 -0.61
CA THR A 4 0.86 -4.04 -0.23
C THR A 4 0.25 -3.31 0.97
N THR A 5 0.28 -1.99 0.93
CA THR A 5 -0.28 -1.18 2.02
C THR A 5 -0.64 0.21 1.53
N PRO A 6 -1.29 0.30 0.40
CA PRO A 6 -1.71 1.60 -0.19
C PRO A 6 -2.30 2.55 0.85
N LEU A 7 -2.24 3.84 0.55
CA LEU A 7 -2.78 4.84 1.47
C LEU A 7 -4.29 4.96 1.32
N LYS A 8 -4.76 5.00 0.07
CA LYS A 8 -6.18 5.10 -0.19
C LYS A 8 -6.52 4.52 -1.56
N PRO A 2 7.25 -3.36 -3.84
CA PRO A 2 5.76 -3.37 -3.76
C PRO A 2 5.26 -3.25 -2.32
N THR A 3 4.01 -2.84 -2.16
CA THR A 3 3.43 -2.69 -0.84
C THR A 3 1.95 -3.05 -0.86
N THR A 4 1.61 -4.19 -0.28
CA THR A 4 0.22 -4.63 -0.23
C THR A 4 -0.48 -4.09 1.00
N THR A 5 -0.83 -2.80 0.96
CA THR A 5 -1.51 -2.18 2.09
C THR A 5 -2.32 -0.97 1.62
N PRO A 6 -3.01 -0.34 2.53
CA PRO A 6 -3.84 0.86 2.23
C PRO A 6 -2.99 2.11 2.01
N LEU A 7 -3.32 2.88 0.98
CA LEU A 7 -2.57 4.09 0.68
C LEU A 7 -3.53 5.23 0.31
N LYS A 8 -4.78 5.10 0.74
CA LYS A 8 -5.78 6.12 0.45
C LYS A 8 -5.96 6.28 -1.05
N PRO A 2 5.76 -6.11 -3.70
CA PRO A 2 4.90 -6.75 -2.67
C PRO A 2 3.73 -5.87 -2.25
N THR A 3 4.04 -4.69 -1.70
CA THR A 3 3.01 -3.76 -1.26
C THR A 3 3.57 -2.34 -1.20
N THR A 4 2.68 -1.37 -1.04
CA THR A 4 3.08 0.03 -0.98
C THR A 4 2.11 0.82 -0.12
N THR A 5 1.95 0.41 1.12
CA THR A 5 1.03 1.10 2.04
C THR A 5 -0.35 1.26 1.41
N PRO A 6 -1.08 0.18 1.33
CA PRO A 6 -2.45 0.19 0.75
C PRO A 6 -3.48 0.81 1.68
N LEU A 7 -3.82 2.06 1.41
CA LEU A 7 -4.80 2.78 2.24
C LEU A 7 -5.63 3.73 1.39
N LYS A 8 -5.86 4.93 1.90
CA LYS A 8 -6.66 5.91 1.18
C LYS A 8 -8.07 5.39 0.92
N PRO A 2 6.59 -4.15 -3.92
CA PRO A 2 6.65 -5.11 -2.78
C PRO A 2 5.51 -4.89 -1.79
N THR A 3 4.50 -5.76 -1.85
CA THR A 3 3.36 -5.65 -0.94
C THR A 3 2.92 -4.19 -0.80
N THR A 4 1.98 -3.79 -1.63
CA THR A 4 1.48 -2.41 -1.60
C THR A 4 0.31 -2.30 -0.62
N THR A 5 0.35 -1.27 0.21
CA THR A 5 -0.71 -1.05 1.19
C THR A 5 -0.75 0.40 1.63
N PRO A 6 -1.23 1.27 0.79
CA PRO A 6 -1.32 2.73 1.08
C PRO A 6 -2.48 3.04 2.03
N LEU A 7 -2.60 4.32 2.39
CA LEU A 7 -3.67 4.74 3.29
C LEU A 7 -4.81 5.38 2.52
N LYS A 8 -4.79 5.21 1.19
CA LYS A 8 -5.83 5.78 0.35
C LYS A 8 -7.03 4.85 0.28
N PRO A 2 5.23 -2.30 -3.90
CA PRO A 2 5.03 -3.66 -4.44
C PRO A 2 3.92 -4.41 -3.71
N THR A 3 4.09 -4.55 -2.39
CA THR A 3 3.10 -5.26 -1.58
C THR A 3 1.84 -4.42 -1.42
N THR A 4 1.23 -4.48 -0.24
CA THR A 4 0.01 -3.72 0.02
C THR A 4 -0.09 -3.38 1.50
N THR A 5 -0.04 -2.09 1.82
CA THR A 5 -0.14 -1.65 3.20
C THR A 5 -0.60 -0.20 3.27
N PRO A 6 -0.06 0.64 2.44
CA PRO A 6 -0.41 2.09 2.39
C PRO A 6 -1.76 2.32 1.72
N LEU A 7 -2.63 3.06 2.39
CA LEU A 7 -3.95 3.35 1.84
C LEU A 7 -3.90 4.56 0.92
N LYS A 8 -4.54 4.46 -0.24
CA LYS A 8 -4.56 5.55 -1.20
C LYS A 8 -3.14 5.90 -1.64
N PRO A 2 5.48 -8.34 -2.63
CA PRO A 2 4.26 -7.50 -2.55
C PRO A 2 4.54 -6.13 -1.96
N THR A 3 4.38 -5.09 -2.78
CA THR A 3 4.63 -3.73 -2.34
C THR A 3 3.36 -3.11 -1.77
N THR A 4 3.49 -2.40 -0.66
CA THR A 4 2.34 -1.77 -0.02
C THR A 4 2.14 -0.36 -0.58
N THR A 5 1.18 0.36 0.00
CA THR A 5 0.88 1.72 -0.45
C THR A 5 0.21 2.51 0.65
N PRO A 6 0.27 3.81 0.59
CA PRO A 6 -0.34 4.72 1.60
C PRO A 6 -1.75 4.29 1.97
N LEU A 7 -2.34 4.95 2.96
CA LEU A 7 -3.68 4.63 3.41
C LEU A 7 -4.69 4.86 2.29
N LYS A 8 -5.96 4.64 2.59
CA LYS A 8 -7.02 4.83 1.61
C LYS A 8 -8.35 5.12 2.29
N PRO A 2 7.60 -3.90 -1.25
CA PRO A 2 6.16 -4.07 -0.97
C PRO A 2 5.29 -3.71 -2.19
N THR A 3 4.00 -3.94 -2.07
CA THR A 3 3.08 -3.65 -3.16
C THR A 3 1.68 -3.34 -2.61
N THR A 4 1.29 -4.09 -1.57
CA THR A 4 -0.03 -3.89 -0.98
C THR A 4 0.04 -2.85 0.13
N THR A 5 -1.00 -2.80 0.96
CA THR A 5 -1.05 -1.83 2.05
C THR A 5 -1.06 -0.41 1.51
N PRO A 6 -2.18 0.01 0.98
CA PRO A 6 -2.34 1.38 0.42
C PRO A 6 -2.48 2.44 1.51
N LEU A 7 -2.30 3.69 1.13
CA LEU A 7 -2.41 4.80 2.09
C LEU A 7 -3.79 5.44 2.01
N LYS A 8 -4.18 5.86 0.81
CA LYS A 8 -5.47 6.49 0.61
C LYS A 8 -5.92 6.34 -0.84
N PRO A 2 5.82 -5.62 -4.25
CA PRO A 2 6.83 -5.00 -3.34
C PRO A 2 6.19 -4.47 -2.06
N THR A 3 5.26 -3.52 -2.22
CA THR A 3 4.58 -2.93 -1.08
C THR A 3 3.20 -3.57 -0.89
N THR A 4 2.66 -3.43 0.31
CA THR A 4 1.34 -4.01 0.61
C THR A 4 0.65 -3.19 1.69
N THR A 5 0.59 -1.88 1.49
CA THR A 5 -0.05 -0.99 2.46
C THR A 5 -0.48 0.31 1.78
N PRO A 6 -1.55 0.26 1.03
CA PRO A 6 -2.09 1.45 0.32
C PRO A 6 -2.83 2.40 1.26
N LEU A 7 -2.74 3.69 0.97
CA LEU A 7 -3.40 4.70 1.80
C LEU A 7 -4.69 5.17 1.14
N LYS A 8 -4.55 5.84 0.00
CA LYS A 8 -5.72 6.34 -0.71
C LYS A 8 -5.41 6.51 -2.19
N PRO A 2 7.27 -4.74 -1.11
CA PRO A 2 6.38 -4.80 -2.30
C PRO A 2 4.92 -5.07 -1.91
N THR A 3 4.01 -4.85 -2.85
CA THR A 3 2.59 -5.08 -2.62
C THR A 3 2.02 -4.08 -1.62
N THR A 4 2.51 -2.84 -1.68
CA THR A 4 2.03 -1.80 -0.77
C THR A 4 0.83 -1.07 -1.35
N THR A 5 -0.20 -0.88 -0.55
CA THR A 5 -1.40 -0.19 -1.00
C THR A 5 -1.21 1.32 -0.93
N PRO A 6 -2.21 2.06 -1.35
CA PRO A 6 -2.16 3.55 -1.34
C PRO A 6 -2.34 4.12 0.06
N LEU A 7 -1.90 3.35 1.06
CA LEU A 7 -2.02 3.79 2.45
C LEU A 7 -3.41 4.34 2.73
N LYS A 8 -4.42 3.74 2.09
CA LYS A 8 -5.80 4.17 2.28
C LYS A 8 -6.76 3.03 1.99
N PRO A 2 8.26 -5.17 -2.21
CA PRO A 2 6.87 -5.66 -2.02
C PRO A 2 6.04 -4.74 -1.14
N THR A 3 4.92 -4.27 -1.68
CA THR A 3 4.04 -3.37 -0.94
C THR A 3 2.73 -3.16 -1.69
N THR A 4 1.62 -3.15 -0.95
CA THR A 4 0.31 -2.96 -1.55
C THR A 4 -0.64 -2.29 -0.56
N THR A 5 -1.93 -2.52 -0.75
CA THR A 5 -2.94 -1.93 0.14
C THR A 5 -2.70 -0.43 0.28
N PRO A 6 -2.51 0.26 -0.82
CA PRO A 6 -2.26 1.73 -0.83
C PRO A 6 -3.23 2.47 0.10
N LEU A 7 -2.73 2.86 1.27
CA LEU A 7 -3.54 3.58 2.23
C LEU A 7 -3.55 5.07 1.93
N LYS A 8 -4.68 5.72 2.21
CA LYS A 8 -4.79 7.16 1.95
C LYS A 8 -4.24 7.95 3.13
N PRO A 2 1.36 -5.71 -3.79
CA PRO A 2 2.60 -5.29 -3.07
C PRO A 2 2.85 -3.80 -3.17
N THR A 3 2.55 -3.08 -2.09
CA THR A 3 2.74 -1.64 -2.06
C THR A 3 3.32 -1.20 -0.72
N THR A 4 3.45 0.12 -0.53
CA THR A 4 4.00 0.65 0.70
C THR A 4 2.89 0.88 1.73
N THR A 5 2.93 0.14 2.82
CA THR A 5 1.92 0.27 3.87
C THR A 5 0.51 0.14 3.28
N PRO A 6 -0.47 0.00 4.12
CA PRO A 6 -1.89 -0.13 3.70
C PRO A 6 -2.47 1.21 3.27
N LEU A 7 -2.51 1.45 1.96
CA LEU A 7 -3.06 2.69 1.43
C LEU A 7 -3.20 2.61 -0.10
N LYS A 8 -4.32 2.06 -0.56
CA LYS A 8 -4.56 1.94 -1.99
C LYS A 8 -3.46 1.09 -2.64
N PRO A 2 3.50 -3.93 -5.23
CA PRO A 2 4.54 -4.01 -4.19
C PRO A 2 4.13 -3.30 -2.90
N THR A 3 4.22 -4.02 -1.78
CA THR A 3 3.84 -3.45 -0.49
C THR A 3 2.35 -3.14 -0.45
N THR A 4 1.80 -3.06 0.75
CA THR A 4 0.37 -2.77 0.91
C THR A 4 0.14 -1.99 2.20
N THR A 5 1.12 -1.20 2.61
CA THR A 5 0.99 -0.41 3.84
C THR A 5 0.24 0.89 3.56
N PRO A 6 0.53 1.53 2.46
CA PRO A 6 -0.14 2.81 2.07
C PRO A 6 -1.54 2.57 1.54
N LEU A 7 -2.49 3.38 2.02
CA LEU A 7 -3.88 3.25 1.58
C LEU A 7 -4.44 4.60 1.17
N LYS A 8 -5.33 4.60 0.18
CA LYS A 8 -5.94 5.84 -0.30
C LYS A 8 -7.28 5.55 -0.94
N PRO A 2 4.76 -6.79 -0.63
CA PRO A 2 4.91 -6.89 -2.10
C PRO A 2 5.60 -5.67 -2.69
N THR A 3 4.99 -4.50 -2.50
CA THR A 3 5.55 -3.27 -3.02
C THR A 3 5.13 -2.08 -2.17
N THR A 4 3.82 -1.83 -2.13
CA THR A 4 3.28 -0.71 -1.35
C THR A 4 1.86 -1.03 -0.88
N THR A 5 1.60 -0.75 0.40
CA THR A 5 0.28 -1.01 0.96
C THR A 5 -0.68 0.14 0.63
N PRO A 6 -1.94 -0.06 0.85
CA PRO A 6 -2.99 0.97 0.58
C PRO A 6 -3.00 2.06 1.64
N LEU A 7 -3.15 3.30 1.19
CA LEU A 7 -3.18 4.44 2.12
C LEU A 7 -4.62 4.90 2.36
N LYS A 8 -5.31 5.24 1.28
CA LYS A 8 -6.70 5.70 1.39
C LYS A 8 -7.65 4.51 1.42
N PRO A 2 5.83 -5.06 -4.96
CA PRO A 2 5.08 -3.95 -4.33
C PRO A 2 4.63 -4.30 -2.91
N THR A 3 4.03 -3.33 -2.23
CA THR A 3 3.56 -3.55 -0.86
C THR A 3 2.66 -2.40 -0.42
N THR A 4 1.50 -2.28 -1.07
CA THR A 4 0.55 -1.22 -0.74
C THR A 4 -0.41 -1.68 0.36
N THR A 5 -0.61 -0.83 1.35
CA THR A 5 -1.51 -1.17 2.46
C THR A 5 -1.99 0.09 3.15
N PRO A 6 -1.11 1.04 3.34
CA PRO A 6 -1.44 2.33 4.01
C PRO A 6 -2.22 3.27 3.09
N LEU A 7 -3.41 3.67 3.54
CA LEU A 7 -4.26 4.55 2.74
C LEU A 7 -4.47 3.99 1.34
N LYS A 8 -5.16 4.75 0.50
CA LYS A 8 -5.44 4.31 -0.86
C LYS A 8 -6.22 3.00 -0.85
N PRO A 2 5.71 -5.31 -4.04
CA PRO A 2 4.76 -6.44 -3.94
C PRO A 2 3.60 -6.14 -2.99
N THR A 3 3.91 -5.49 -1.88
CA THR A 3 2.89 -5.15 -0.89
C THR A 3 3.12 -3.74 -0.36
N THR A 4 2.41 -2.77 -0.94
CA THR A 4 2.55 -1.39 -0.50
C THR A 4 1.24 -0.62 -0.73
N THR A 5 0.57 -0.27 0.36
CA THR A 5 -0.69 0.46 0.27
C THR A 5 -0.96 1.22 1.56
N PRO A 6 -0.25 2.30 1.77
CA PRO A 6 -0.41 3.15 2.99
C PRO A 6 -1.67 4.00 2.93
N LEU A 7 -2.72 3.56 3.61
CA LEU A 7 -3.98 4.30 3.63
C LEU A 7 -4.37 4.71 2.21
N LYS A 8 -5.11 3.84 1.53
CA LYS A 8 -5.55 4.13 0.18
C LYS A 8 -4.35 4.32 -0.75
N PRO A 2 1.22 -1.84 -3.43
CA PRO A 2 1.02 -3.31 -3.22
C PRO A 2 2.09 -3.91 -2.32
N THR A 3 3.17 -3.17 -2.10
CA THR A 3 4.26 -3.65 -1.26
C THR A 3 4.06 -3.17 0.18
N THR A 4 3.99 -1.86 0.36
CA THR A 4 3.81 -1.29 1.68
C THR A 4 2.32 -1.15 2.01
N THR A 5 1.55 -2.21 1.72
CA THR A 5 0.12 -2.19 1.98
C THR A 5 -0.52 -0.97 1.35
N PRO A 6 -1.83 -0.95 1.29
CA PRO A 6 -2.60 0.17 0.71
C PRO A 6 -2.66 1.38 1.65
N LEU A 7 -2.71 2.57 1.07
CA LEU A 7 -2.77 3.78 1.87
C LEU A 7 -3.80 4.76 1.30
N LYS A 8 -4.72 4.23 0.51
CA LYS A 8 -5.76 5.06 -0.10
C LYS A 8 -6.99 4.21 -0.43
N PRO A 2 6.08 -4.28 -5.27
CA PRO A 2 5.87 -4.91 -3.93
C PRO A 2 4.63 -4.35 -3.23
N THR A 3 3.99 -5.18 -2.42
CA THR A 3 2.79 -4.75 -1.70
C THR A 3 3.17 -3.82 -0.54
N THR A 4 2.16 -3.15 0.01
CA THR A 4 2.40 -2.24 1.13
C THR A 4 1.17 -2.16 2.02
N THR A 5 1.06 -1.08 2.78
CA THR A 5 -0.07 -0.88 3.67
C THR A 5 -1.28 -0.33 2.91
N PRO A 6 -2.38 -0.14 3.59
CA PRO A 6 -3.62 0.39 2.99
C PRO A 6 -3.53 1.90 2.74
N LEU A 7 -3.76 2.30 1.50
CA LEU A 7 -3.70 3.72 1.15
C LEU A 7 -4.85 4.08 0.21
N LYS A 8 -4.57 4.95 -0.75
CA LYS A 8 -5.58 5.38 -1.71
C LYS A 8 -4.92 5.85 -3.00
N PRO A 2 7.48 -6.24 -2.83
CA PRO A 2 7.32 -5.05 -1.94
C PRO A 2 5.86 -4.81 -1.58
N THR A 3 5.48 -5.23 -0.38
CA THR A 3 4.10 -5.05 0.07
C THR A 3 3.74 -3.58 0.12
N THR A 4 2.86 -3.15 -0.78
CA THR A 4 2.45 -1.76 -0.84
C THR A 4 1.02 -1.65 -1.39
N THR A 5 0.20 -0.83 -0.74
CA THR A 5 -1.18 -0.65 -1.17
C THR A 5 -1.73 0.69 -0.66
N PRO A 6 -2.75 1.19 -1.30
CA PRO A 6 -3.38 2.48 -0.92
C PRO A 6 -3.59 2.60 0.58
N LEU A 7 -3.27 3.77 1.13
CA LEU A 7 -3.42 3.99 2.56
C LEU A 7 -4.74 4.70 2.85
N LYS A 8 -5.13 5.62 1.97
CA LYS A 8 -6.38 6.35 2.15
C LYS A 8 -7.56 5.55 1.58
N PRO A 2 0.77 -5.34 -0.49
CA PRO A 2 1.65 -4.74 0.55
C PRO A 2 2.94 -4.18 -0.05
N THR A 3 3.23 -4.56 -1.28
CA THR A 3 4.43 -4.08 -1.95
C THR A 3 4.65 -2.60 -1.68
N THR A 4 3.62 -1.80 -1.94
CA THR A 4 3.71 -0.36 -1.74
C THR A 4 2.34 0.22 -1.40
N THR A 5 2.23 1.54 -1.46
CA THR A 5 0.97 2.21 -1.16
C THR A 5 0.42 1.75 0.19
N PRO A 6 1.01 2.21 1.25
CA PRO A 6 0.60 1.86 2.63
C PRO A 6 -0.68 2.58 3.06
N LEU A 7 -1.52 2.89 2.07
CA LEU A 7 -2.77 3.59 2.35
C LEU A 7 -3.93 2.92 1.62
N LYS A 8 -5.06 2.78 2.32
CA LYS A 8 -6.24 2.16 1.72
C LYS A 8 -5.92 0.72 1.29
N PRO A 2 3.74 -5.13 -4.18
CA PRO A 2 5.21 -5.25 -4.00
C PRO A 2 5.59 -5.56 -2.55
N THR A 3 5.39 -4.59 -1.67
CA THR A 3 5.71 -4.77 -0.27
C THR A 3 5.14 -3.63 0.57
N THR A 4 4.09 -3.01 0.06
CA THR A 4 3.45 -1.89 0.77
C THR A 4 1.97 -1.82 0.44
N THR A 5 1.14 -1.60 1.46
CA THR A 5 -0.30 -1.51 1.26
C THR A 5 -0.69 -0.11 0.79
N PRO A 6 -1.90 0.04 0.32
CA PRO A 6 -2.42 1.34 -0.16
C PRO A 6 -2.76 2.29 1.00
N LEU A 7 -3.56 3.31 0.70
CA LEU A 7 -3.95 4.27 1.73
C LEU A 7 -5.44 4.59 1.62
N LYS A 8 -5.76 5.75 1.07
CA LYS A 8 -7.15 6.16 0.92
C LYS A 8 -7.74 5.60 -0.37
N PRO A 2 7.16 -5.42 -0.16
CA PRO A 2 6.06 -6.07 -0.95
C PRO A 2 5.16 -5.04 -1.63
N THR A 3 4.66 -5.39 -2.80
CA THR A 3 3.78 -4.50 -3.54
C THR A 3 2.48 -4.27 -2.78
N THR A 4 2.18 -3.01 -2.45
CA THR A 4 0.97 -2.67 -1.73
C THR A 4 0.50 -1.27 -2.08
N THR A 5 -0.47 -0.76 -1.33
CA THR A 5 -0.99 0.58 -1.58
C THR A 5 -1.63 1.13 -0.31
N PRO A 6 -0.83 1.55 0.65
CA PRO A 6 -1.32 2.11 1.93
C PRO A 6 -1.83 3.55 1.76
N LEU A 7 -2.01 4.24 2.88
CA LEU A 7 -2.50 5.62 2.84
C LEU A 7 -3.77 5.72 2.01
N LYS A 8 -4.91 5.47 2.63
CA LYS A 8 -6.18 5.54 1.94
C LYS A 8 -6.70 6.98 1.91
N PRO A 2 5.60 -6.32 -3.75
CA PRO A 2 5.61 -5.90 -2.33
C PRO A 2 4.40 -5.04 -1.97
N THR A 3 4.03 -5.05 -0.69
CA THR A 3 2.89 -4.27 -0.23
C THR A 3 2.98 -2.84 -0.74
N THR A 4 1.85 -2.30 -1.18
CA THR A 4 1.81 -0.93 -1.70
C THR A 4 1.55 0.06 -0.57
N THR A 5 1.96 -0.30 0.64
CA THR A 5 1.76 0.55 1.80
C THR A 5 0.29 0.95 1.94
N PRO A 6 -0.12 1.29 3.12
CA PRO A 6 -1.53 1.69 3.41
C PRO A 6 -2.07 2.65 2.36
N LEU A 7 -3.12 2.23 1.66
CA LEU A 7 -3.73 3.05 0.62
C LEU A 7 -4.94 3.79 1.18
N LYS A 8 -5.46 4.73 0.39
CA LYS A 8 -6.62 5.52 0.81
C LYS A 8 -7.92 4.78 0.50
N PRO A 2 6.79 -4.47 -1.74
CA PRO A 2 6.64 -3.60 -2.95
C PRO A 2 5.31 -2.84 -2.94
N THR A 3 4.22 -3.58 -2.80
CA THR A 3 2.90 -2.98 -2.78
C THR A 3 2.02 -3.63 -1.71
N THR A 4 1.79 -2.91 -0.62
CA THR A 4 0.96 -3.44 0.46
C THR A 4 0.27 -2.31 1.21
N THR A 5 -1.06 -2.35 1.22
CA THR A 5 -1.85 -1.32 1.89
C THR A 5 -1.43 0.07 1.43
N PRO A 6 -1.32 0.28 0.15
CA PRO A 6 -0.93 1.59 -0.45
C PRO A 6 -1.68 2.75 0.20
N LEU A 7 -1.35 3.96 -0.22
CA LEU A 7 -2.02 5.15 0.33
C LEU A 7 -3.53 5.00 0.25
N LYS A 8 -4.16 4.79 1.40
CA LYS A 8 -5.61 4.64 1.44
C LYS A 8 -6.05 3.45 0.59
N PRO A 2 3.54 -1.82 -4.60
CA PRO A 2 4.23 -2.24 -3.36
C PRO A 2 3.28 -2.86 -2.35
N THR A 3 3.52 -4.14 -2.03
CA THR A 3 2.68 -4.85 -1.08
C THR A 3 3.06 -4.48 0.35
N THR A 4 2.48 -3.39 0.85
CA THR A 4 2.77 -2.94 2.21
C THR A 4 1.58 -2.20 2.80
N THR A 5 0.38 -2.56 2.34
CA THR A 5 -0.84 -1.92 2.82
C THR A 5 -0.90 -0.46 2.38
N PRO A 6 -0.62 -0.21 1.13
CA PRO A 6 -0.63 1.17 0.57
C PRO A 6 -1.86 1.96 1.01
N LEU A 7 -1.68 3.27 1.18
CA LEU A 7 -2.77 4.12 1.61
C LEU A 7 -3.76 4.34 0.47
N LYS A 8 -3.34 5.10 -0.54
CA LYS A 8 -4.20 5.38 -1.69
C LYS A 8 -3.35 5.72 -2.91
N PRO A 2 6.52 -4.00 -3.49
CA PRO A 2 5.99 -3.02 -4.48
C PRO A 2 4.68 -2.37 -4.02
N THR A 3 4.05 -3.00 -3.03
CA THR A 3 2.80 -2.48 -2.49
C THR A 3 2.36 -3.27 -1.26
N THR A 4 2.23 -2.58 -0.14
CA THR A 4 1.83 -3.23 1.10
C THR A 4 1.06 -2.26 2.00
N THR A 5 -0.22 -2.52 2.20
CA THR A 5 -1.05 -1.66 3.03
C THR A 5 -0.93 -0.20 2.59
N PRO A 6 -1.53 0.14 1.48
CA PRO A 6 -1.49 1.52 0.93
C PRO A 6 -2.41 2.46 1.70
N LEU A 7 -2.02 3.74 1.76
CA LEU A 7 -2.81 4.73 2.48
C LEU A 7 -3.65 5.55 1.50
N LYS A 8 -4.85 5.07 1.21
CA LYS A 8 -5.74 5.76 0.29
C LYS A 8 -7.20 5.41 0.57
N PRO A 2 5.50 -4.37 0.89
CA PRO A 2 5.80 -3.56 -0.33
C PRO A 2 4.62 -3.52 -1.29
N THR A 3 3.42 -3.71 -0.76
CA THR A 3 2.22 -3.69 -1.59
C THR A 3 2.14 -2.40 -2.40
N THR A 4 1.34 -2.42 -3.46
CA THR A 4 1.20 -1.24 -4.31
C THR A 4 0.06 -0.35 -3.80
N THR A 5 -0.10 -0.31 -2.48
CA THR A 5 -1.16 0.49 -1.87
C THR A 5 -0.82 0.83 -0.42
N PRO A 6 0.11 1.72 -0.22
CA PRO A 6 0.55 2.13 1.14
C PRO A 6 -0.47 3.07 1.81
N LEU A 7 -0.87 2.71 3.03
CA LEU A 7 -1.84 3.51 3.76
C LEU A 7 -3.04 3.84 2.89
N LYS A 8 -4.12 3.10 3.07
CA LYS A 8 -5.33 3.31 2.29
C LYS A 8 -6.56 2.81 3.05
N PRO A 2 7.61 -5.61 -2.72
CA PRO A 2 6.22 -5.35 -3.18
C PRO A 2 5.55 -4.24 -2.36
N THR A 3 4.37 -3.83 -2.79
CA THR A 3 3.64 -2.79 -2.09
C THR A 3 2.91 -3.36 -0.88
N THR A 4 2.22 -2.49 -0.15
CA THR A 4 1.49 -2.93 1.04
C THR A 4 0.28 -2.03 1.28
N THR A 5 -0.79 -2.27 0.53
CA THR A 5 -2.00 -1.47 0.67
C THR A 5 -1.68 0.02 0.57
N PRO A 6 -1.41 0.48 -0.62
CA PRO A 6 -1.08 1.91 -0.86
C PRO A 6 -2.32 2.80 -0.82
N LEU A 7 -2.18 3.98 -0.21
CA LEU A 7 -3.29 4.91 -0.12
C LEU A 7 -4.42 4.31 0.72
N LYS A 8 -4.87 5.05 1.72
CA LYS A 8 -5.94 4.58 2.58
C LYS A 8 -7.31 4.90 1.96
N PRO A 2 5.67 -6.54 -2.76
CA PRO A 2 6.25 -5.41 -3.55
C PRO A 2 6.06 -4.06 -2.85
N THR A 3 4.80 -3.63 -2.79
CA THR A 3 4.48 -2.36 -2.15
C THR A 3 3.94 -2.58 -0.75
N THR A 4 4.01 -1.55 0.09
CA THR A 4 3.52 -1.65 1.46
C THR A 4 2.04 -1.26 1.53
N THR A 5 1.19 -2.10 0.97
CA THR A 5 -0.24 -1.84 0.97
C THR A 5 -0.53 -0.47 0.38
N PRO A 6 -1.74 -0.25 -0.06
CA PRO A 6 -2.18 1.03 -0.66
C PRO A 6 -2.39 2.11 0.40
N LEU A 7 -3.17 3.13 0.05
CA LEU A 7 -3.44 4.22 0.98
C LEU A 7 -4.93 4.60 0.94
N LYS A 8 -5.40 5.22 2.00
CA LYS A 8 -6.80 5.63 2.08
C LYS A 8 -7.72 4.41 1.97
N PRO A 2 3.62 -5.19 0.64
CA PRO A 2 4.37 -5.91 -0.41
C PRO A 2 4.11 -5.33 -1.80
N THR A 3 3.80 -4.04 -1.86
CA THR A 3 3.52 -3.38 -3.12
C THR A 3 3.77 -1.87 -3.01
N THR A 4 2.76 -1.09 -3.37
CA THR A 4 2.87 0.37 -3.30
C THR A 4 2.45 0.88 -1.93
N THR A 5 2.42 -0.02 -0.95
CA THR A 5 2.03 0.35 0.41
C THR A 5 0.74 1.17 0.39
N PRO A 6 -0.36 0.51 0.16
CA PRO A 6 -1.70 1.17 0.12
C PRO A 6 -2.21 1.53 1.52
N LEU A 7 -2.96 2.63 1.59
CA LEU A 7 -3.50 3.07 2.87
C LEU A 7 -4.94 3.55 2.71
N LYS A 8 -5.39 3.65 1.45
CA LYS A 8 -6.75 4.10 1.17
C LYS A 8 -7.71 2.92 1.24
N PRO A 2 7.96 -5.61 -3.06
CA PRO A 2 6.64 -5.14 -3.58
C PRO A 2 5.61 -5.02 -2.46
N THR A 3 5.28 -3.79 -2.09
CA THR A 3 4.30 -3.56 -1.04
C THR A 3 2.95 -3.21 -1.64
N THR A 4 1.95 -3.01 -0.78
CA THR A 4 0.61 -2.68 -1.24
C THR A 4 -0.13 -1.85 -0.19
N THR A 5 -1.44 -1.70 -0.37
CA THR A 5 -2.24 -0.92 0.57
C THR A 5 -1.63 0.47 0.78
N PRO A 6 -1.77 1.33 -0.19
CA PRO A 6 -1.23 2.71 -0.13
C PRO A 6 -2.07 3.61 0.77
N LEU A 7 -2.71 3.01 1.77
CA LEU A 7 -3.54 3.77 2.69
C LEU A 7 -4.77 4.33 1.98
N LYS A 8 -5.18 5.52 2.37
CA LYS A 8 -6.35 6.16 1.75
C LYS A 8 -7.58 5.29 1.91
N PRO A 2 4.23 -7.02 -3.85
CA PRO A 2 5.30 -6.17 -3.25
C PRO A 2 4.81 -5.41 -2.03
N THR A 3 5.68 -5.26 -1.04
CA THR A 3 5.33 -4.56 0.19
C THR A 3 4.90 -3.12 -0.13
N THR A 4 3.66 -2.98 -0.57
CA THR A 4 3.14 -1.65 -0.91
C THR A 4 1.63 -1.59 -0.68
N THR A 5 1.20 -0.75 0.25
CA THR A 5 -0.22 -0.61 0.56
C THR A 5 -0.50 0.74 1.20
N PRO A 6 -0.46 1.79 0.43
CA PRO A 6 -0.72 3.17 0.92
C PRO A 6 -2.20 3.42 1.18
N LEU A 7 -2.49 4.29 2.15
CA LEU A 7 -3.88 4.61 2.48
C LEU A 7 -4.42 5.69 1.56
N LYS A 8 -5.46 5.36 0.81
CA LYS A 8 -6.06 6.32 -0.11
C LYS A 8 -5.02 6.85 -1.08
N PRO A 2 7.58 -6.04 -4.28
CA PRO A 2 7.25 -5.79 -2.86
C PRO A 2 5.83 -5.25 -2.69
N THR A 3 5.10 -5.81 -1.73
CA THR A 3 3.73 -5.37 -1.48
C THR A 3 3.72 -4.03 -0.75
N THR A 4 2.58 -3.35 -0.79
CA THR A 4 2.44 -2.05 -0.13
C THR A 4 0.99 -1.82 0.31
N THR A 5 0.83 -1.44 1.58
CA THR A 5 -0.51 -1.19 2.12
C THR A 5 -0.97 0.21 1.75
N PRO A 6 -2.02 0.30 0.97
CA PRO A 6 -2.60 1.61 0.54
C PRO A 6 -3.38 2.28 1.66
N LEU A 7 -3.27 3.60 1.76
CA LEU A 7 -3.97 4.34 2.78
C LEU A 7 -5.21 5.02 2.20
N LYS A 8 -5.00 5.98 1.31
CA LYS A 8 -6.11 6.69 0.69
C LYS A 8 -6.62 5.93 -0.52
N PRO A 2 5.45 -3.28 -1.11
CA PRO A 2 5.13 -4.54 -1.85
C PRO A 2 3.66 -4.62 -2.24
N THR A 3 3.37 -4.30 -3.50
CA THR A 3 2.00 -4.34 -4.00
C THR A 3 1.16 -3.26 -3.33
N THR A 4 0.94 -3.39 -2.03
CA THR A 4 0.16 -2.42 -1.29
C THR A 4 0.60 -2.36 0.16
N THR A 5 0.57 -1.16 0.74
CA THR A 5 0.97 -0.98 2.13
C THR A 5 0.36 0.28 2.71
N PRO A 6 0.38 1.35 1.97
CA PRO A 6 -0.18 2.66 2.40
C PRO A 6 -1.71 2.67 2.33
N LEU A 7 -2.33 3.37 3.27
CA LEU A 7 -3.79 3.46 3.31
C LEU A 7 -4.34 3.77 1.92
N LYS A 8 -3.45 4.17 1.01
CA LYS A 8 -3.87 4.48 -0.35
C LYS A 8 -2.70 4.32 -1.32
#